data_6JFE
#
_entry.id   6JFE
#
_cell.length_a   44.682
_cell.length_b   121.818
_cell.length_c   146.314
_cell.angle_alpha   90.000
_cell.angle_beta   90.000
_cell.angle_gamma   90.000
#
_symmetry.space_group_name_H-M   'C 2 2 21'
#
loop_
_entity.id
_entity.type
_entity.pdbx_description
1 polymer 'Peptide deformylase'
2 non-polymer 'NICKEL (II) ION'
3 non-polymer 'S-(2-oxo-2-phenylethyl) (2R)-2-benzyl-4,4,4-trifluorobutanethioate'
4 water water
#
_entity_poly.entity_id   1
_entity_poly.type   'polypeptide(L)'
_entity_poly.pdbx_seq_one_letter_code
;IREILKMGDERLLRIAQPVPSELLGSEELQRLIDDMFETMHHVGGVGLAAPQIGVDLQLVIFGFERSERYPDAPAVPPTI
LLNPRITPLDDEMEEGWEGCLSVPGLRGAVSRHRRIRYQGLDPQGQPIDRSVEGFHARVVQHECDHLIGRLYPSRITDFS
KFGFTEVL
;
_entity_poly.pdbx_strand_id   A,B
#
loop_
_chem_comp.id
_chem_comp.type
_chem_comp.name
_chem_comp.formula
K3U non-polymer 'S-(2-oxo-2-phenylethyl) (2R)-2-benzyl-4,4,4-trifluorobutanethioate' 'C19 H17 F3 O2 S'
NI non-polymer 'NICKEL (II) ION' 'Ni 2'
#
# COMPACT_ATOMS: atom_id res chain seq x y z
N ILE A 1 -1.42 -16.37 17.82
CA ILE A 1 -2.12 -15.43 18.72
C ILE A 1 -1.33 -15.16 20.01
N ARG A 2 -0.89 -13.91 20.11
CA ARG A 2 0.08 -13.47 21.07
C ARG A 2 -0.58 -12.52 22.07
N GLU A 3 -0.04 -12.47 23.29
CA GLU A 3 -0.62 -11.67 24.40
C GLU A 3 -0.27 -10.21 24.10
N ILE A 4 -1.25 -9.33 24.10
CA ILE A 4 -0.96 -7.90 23.85
C ILE A 4 -0.59 -7.31 25.20
N LEU A 5 0.59 -6.75 25.32
CA LEU A 5 1.00 -6.10 26.57
C LEU A 5 0.13 -4.85 26.87
N LYS A 6 -0.08 -4.58 28.16
CA LYS A 6 -0.93 -3.50 28.57
C LYS A 6 -0.15 -2.35 29.20
N MET A 7 -0.70 -1.17 29.01
CA MET A 7 -0.08 0.03 29.53
C MET A 7 0.23 -0.20 31.00
N GLY A 8 1.43 0.15 31.37
CA GLY A 8 1.95 -0.14 32.72
C GLY A 8 3.16 -1.05 32.60
N ASP A 9 3.08 -2.02 31.70
CA ASP A 9 4.20 -2.89 31.34
C ASP A 9 5.42 -2.11 30.83
N GLU A 10 6.52 -2.26 31.54
CA GLU A 10 7.80 -1.55 31.24
C GLU A 10 8.38 -1.80 29.81
N ARG A 11 8.03 -2.93 29.22
CA ARG A 11 8.46 -3.24 27.84
C ARG A 11 7.92 -2.27 26.76
N LEU A 12 6.76 -1.67 27.01
CA LEU A 12 6.18 -0.71 26.10
C LEU A 12 6.93 0.59 26.14
N LEU A 13 7.84 0.76 27.12
CA LEU A 13 8.57 2.00 27.25
C LEU A 13 9.88 2.01 26.51
N ARG A 14 10.25 0.88 25.91
CA ARG A 14 11.54 0.79 25.19
C ARG A 14 11.58 1.55 23.87
N ILE A 15 12.79 1.98 23.56
CA ILE A 15 13.10 2.38 22.23
C ILE A 15 13.46 1.06 21.49
N ALA A 16 12.58 0.61 20.59
CA ALA A 16 12.78 -0.60 19.80
C ALA A 16 14.02 -0.59 18.93
N GLN A 17 14.61 -1.78 18.80
CA GLN A 17 15.82 -2.03 18.01
C GLN A 17 15.39 -2.12 16.57
N PRO A 18 16.25 -1.71 15.65
CA PRO A 18 15.97 -1.87 14.24
C PRO A 18 15.91 -3.30 13.85
N VAL A 19 15.13 -3.65 12.84
CA VAL A 19 15.19 -5.04 12.35
C VAL A 19 16.59 -5.14 11.65
N PRO A 20 17.37 -6.18 11.97
CA PRO A 20 18.64 -6.41 11.32
C PRO A 20 18.43 -6.74 9.86
N SER A 21 19.32 -6.29 8.98
CA SER A 21 19.10 -6.64 7.55
C SER A 21 19.22 -8.17 7.28
N GLU A 22 19.96 -8.90 8.11
CA GLU A 22 20.07 -10.39 7.99
C GLU A 22 18.71 -11.04 8.05
N LEU A 23 17.80 -10.44 8.83
CA LEU A 23 16.47 -11.04 8.97
C LEU A 23 15.49 -10.71 7.84
N LEU A 24 15.86 -9.76 6.97
CA LEU A 24 14.95 -9.38 5.87
C LEU A 24 14.78 -10.59 4.94
N GLY A 25 13.55 -10.97 4.71
CA GLY A 25 13.19 -12.04 3.81
C GLY A 25 13.19 -13.38 4.50
N SER A 26 13.48 -13.48 5.80
CA SER A 26 13.60 -14.80 6.46
C SER A 26 12.25 -15.37 6.91
N GLU A 27 12.21 -16.69 7.15
CA GLU A 27 10.97 -17.36 7.60
C GLU A 27 10.56 -16.85 8.98
N GLU A 28 11.54 -16.42 9.78
CA GLU A 28 11.32 -16.05 11.19
C GLU A 28 10.64 -14.71 11.22
N LEU A 29 11.11 -13.81 10.36
CA LEU A 29 10.47 -12.52 10.24
C LEU A 29 9.08 -12.74 9.71
N GLN A 30 8.92 -13.69 8.77
CA GLN A 30 7.58 -14.02 8.27
C GLN A 30 6.62 -14.50 9.36
N ARG A 31 7.12 -15.35 10.23
CA ARG A 31 6.30 -15.89 11.27
C ARG A 31 5.85 -14.82 12.23
N LEU A 32 6.79 -13.96 12.63
CA LEU A 32 6.46 -12.85 13.50
C LEU A 32 5.33 -12.03 12.86
N ILE A 33 5.43 -11.77 11.56
CA ILE A 33 4.48 -10.85 10.81
C ILE A 33 3.11 -11.53 10.85
N ASP A 34 3.11 -12.82 10.56
CA ASP A 34 1.85 -13.61 10.55
C ASP A 34 1.17 -13.66 11.91
N ASP A 35 1.95 -13.83 12.96
CA ASP A 35 1.46 -13.77 14.31
C ASP A 35 0.85 -12.39 14.60
N MET A 36 1.56 -11.34 14.17
CA MET A 36 1.05 -10.02 14.37
C MET A 36 -0.29 -9.83 13.66
N PHE A 37 -0.40 -10.28 12.42
CA PHE A 37 -1.68 -10.17 11.70
C PHE A 37 -2.77 -10.94 12.38
N GLU A 38 -2.46 -12.13 12.86
CA GLU A 38 -3.40 -12.99 13.50
C GLU A 38 -3.87 -12.37 14.83
N THR A 39 -2.90 -11.81 15.55
CA THR A 39 -3.15 -11.15 16.79
C THR A 39 -4.01 -9.89 16.57
N MET A 40 -3.53 -8.95 15.76
CA MET A 40 -4.29 -7.72 15.46
C MET A 40 -5.71 -8.07 15.03
N HIS A 41 -5.79 -9.04 14.14
CA HIS A 41 -7.02 -9.29 13.53
C HIS A 41 -7.99 -9.92 14.54
N HIS A 42 -7.48 -10.77 15.43
CA HIS A 42 -8.38 -11.46 16.37
C HIS A 42 -9.07 -10.48 17.31
N VAL A 43 -8.34 -9.47 17.78
CA VAL A 43 -8.88 -8.42 18.68
C VAL A 43 -9.43 -7.20 17.94
N GLY A 44 -9.38 -7.21 16.63
CA GLY A 44 -10.13 -6.25 15.85
C GLY A 44 -9.50 -4.87 15.73
N GLY A 45 -8.16 -4.79 15.81
CA GLY A 45 -7.44 -3.49 15.80
C GLY A 45 -7.09 -3.07 14.37
N VAL A 46 -6.83 -1.78 14.20
CA VAL A 46 -6.37 -1.27 12.93
C VAL A 46 -4.82 -1.34 12.78
N GLY A 47 -4.06 -1.50 13.85
CA GLY A 47 -2.62 -1.53 13.75
C GLY A 47 -2.00 -2.30 14.92
N LEU A 48 -0.74 -2.69 14.79
CA LEU A 48 -0.05 -3.32 15.89
C LEU A 48 1.45 -3.14 15.69
N ALA A 49 2.15 -2.79 16.78
CA ALA A 49 3.59 -2.64 16.77
C ALA A 49 4.20 -3.86 17.50
N ALA A 50 5.34 -4.32 16.98
CA ALA A 50 5.99 -5.53 17.55
C ALA A 50 6.22 -5.44 19.13
N PRO A 51 6.59 -4.27 19.69
CA PRO A 51 6.68 -4.12 21.15
C PRO A 51 5.44 -4.43 21.97
N GLN A 52 4.25 -4.23 21.38
CA GLN A 52 3.01 -4.55 22.09
C GLN A 52 2.83 -6.07 22.30
N ILE A 53 3.56 -6.90 21.56
CA ILE A 53 3.52 -8.34 21.83
C ILE A 53 4.83 -8.77 22.38
N GLY A 54 5.61 -7.83 22.90
CA GLY A 54 6.80 -8.12 23.63
C GLY A 54 8.04 -8.36 22.78
N VAL A 55 8.01 -7.91 21.53
CA VAL A 55 9.10 -8.15 20.60
C VAL A 55 9.79 -6.82 20.35
N ASP A 56 11.08 -6.77 20.69
CA ASP A 56 11.81 -5.50 20.71
C ASP A 56 12.36 -5.06 19.37
N LEU A 57 11.48 -4.88 18.37
CA LEU A 57 11.86 -4.62 16.97
C LEU A 57 11.08 -3.45 16.32
N GLN A 58 11.73 -2.66 15.47
CA GLN A 58 11.03 -1.61 14.72
C GLN A 58 10.21 -2.23 13.56
N LEU A 59 9.07 -2.77 13.91
CA LEU A 59 8.20 -3.40 12.98
C LEU A 59 6.80 -3.06 13.41
N VAL A 60 6.03 -2.56 12.46
CA VAL A 60 4.62 -2.35 12.67
C VAL A 60 3.77 -2.86 11.50
N ILE A 61 2.50 -3.12 11.78
CA ILE A 61 1.54 -3.47 10.76
C ILE A 61 0.31 -2.62 10.96
N PHE A 62 -0.38 -2.38 9.89
CA PHE A 62 -1.60 -1.63 9.93
C PHE A 62 -2.34 -1.83 8.63
N GLY A 63 -3.65 -1.61 8.66
CA GLY A 63 -4.54 -1.79 7.49
C GLY A 63 -5.96 -1.51 8.00
N PHE A 64 -6.82 -0.93 7.16
CA PHE A 64 -8.24 -0.82 7.48
C PHE A 64 -8.93 -0.90 6.12
N GLU A 65 -9.73 -1.97 5.93
CA GLU A 65 -10.56 -2.18 4.72
C GLU A 65 -11.85 -1.38 4.82
N PRO A 74 -12.75 5.59 5.77
CA PRO A 74 -11.38 5.95 5.28
C PRO A 74 -10.45 4.76 5.40
N ALA A 75 -10.33 4.06 4.28
CA ALA A 75 -9.59 2.82 4.19
C ALA A 75 -8.11 3.19 4.25
N VAL A 76 -7.33 2.20 4.62
CA VAL A 76 -5.91 2.37 4.77
C VAL A 76 -5.38 1.08 4.27
N PRO A 77 -4.42 1.08 3.30
CA PRO A 77 -3.80 -0.15 2.77
C PRO A 77 -3.06 -0.98 3.82
N PRO A 78 -3.26 -2.32 3.77
CA PRO A 78 -2.50 -3.26 4.61
C PRO A 78 -1.00 -3.09 4.37
N THR A 79 -0.24 -2.83 5.41
CA THR A 79 1.12 -2.43 5.26
C THR A 79 1.94 -3.03 6.41
N ILE A 80 3.15 -3.38 6.04
CA ILE A 80 4.10 -3.92 6.94
C ILE A 80 5.28 -3.02 6.82
N LEU A 81 5.64 -2.36 7.91
CA LEU A 81 6.64 -1.33 7.84
C LEU A 81 7.73 -1.59 8.87
N LEU A 82 8.96 -1.65 8.39
CA LEU A 82 10.15 -1.86 9.22
C LEU A 82 10.98 -0.61 9.27
N ASN A 83 11.64 -0.40 10.42
CA ASN A 83 12.65 0.64 10.61
C ASN A 83 12.18 1.96 10.06
N PRO A 84 11.04 2.41 10.53
CA PRO A 84 10.46 3.55 9.87
C PRO A 84 11.09 4.87 10.19
N ARG A 85 10.81 5.83 9.33
CA ARG A 85 11.17 7.18 9.57
C ARG A 85 10.05 8.09 9.05
N ILE A 86 9.53 8.98 9.92
CA ILE A 86 8.43 9.88 9.62
C ILE A 86 8.95 11.27 9.47
N THR A 87 8.43 11.99 8.48
CA THR A 87 8.78 13.40 8.24
C THR A 87 7.50 14.21 8.05
N PRO A 88 7.24 15.15 8.99
CA PRO A 88 5.98 15.91 8.80
C PRO A 88 6.13 16.77 7.57
N LEU A 89 5.11 16.82 6.75
CA LEU A 89 5.13 17.63 5.53
C LEU A 89 4.76 19.09 5.76
N ASP A 90 4.17 19.41 6.90
CA ASP A 90 3.89 20.79 7.20
C ASP A 90 3.58 20.92 8.69
N ASP A 91 3.11 22.08 9.12
CA ASP A 91 2.81 22.30 10.52
C ASP A 91 1.37 22.04 10.82
N GLU A 92 0.54 21.67 9.85
CA GLU A 92 -0.86 21.54 10.17
C GLU A 92 -1.04 20.29 11.06
N MET A 93 -1.73 20.48 12.18
CA MET A 93 -2.11 19.42 13.09
C MET A 93 -3.60 19.19 13.01
N GLU A 94 -4.02 18.01 13.44
CA GLU A 94 -5.45 17.65 13.47
C GLU A 94 -5.70 16.66 14.61
N GLU A 95 -6.82 16.90 15.30
CA GLU A 95 -7.27 16.12 16.42
C GLU A 95 -8.14 14.99 15.91
N GLY A 96 -8.02 13.83 16.52
CA GLY A 96 -8.89 12.71 16.17
C GLY A 96 -8.94 11.79 17.34
N TRP A 97 -9.94 10.95 17.39
CA TRP A 97 -10.07 9.97 18.44
C TRP A 97 -9.16 8.84 18.13
N GLU A 98 -8.48 8.36 19.19
CA GLU A 98 -7.63 7.21 19.14
C GLU A 98 -7.93 6.22 20.25
N GLY A 99 -7.60 4.96 19.98
CA GLY A 99 -7.69 3.89 20.93
C GLY A 99 -6.50 3.01 20.62
N CYS A 100 -6.38 1.88 21.30
CA CYS A 100 -5.17 1.08 21.23
C CYS A 100 -5.44 -0.21 22.05
N LEU A 101 -5.02 -1.34 21.54
CA LEU A 101 -5.22 -2.64 22.22
C LEU A 101 -4.44 -2.73 23.58
N SER A 102 -3.34 -1.97 23.72
CA SER A 102 -2.60 -1.91 24.97
C SER A 102 -3.22 -1.00 26.04
N VAL A 103 -4.32 -0.31 25.68
CA VAL A 103 -5.06 0.63 26.56
C VAL A 103 -6.55 0.32 26.46
N PRO A 104 -6.95 -0.92 26.80
CA PRO A 104 -8.32 -1.32 26.51
C PRO A 104 -9.35 -0.59 27.34
N GLY A 105 -10.51 -0.37 26.77
CA GLY A 105 -11.59 0.30 27.44
C GLY A 105 -11.62 1.82 27.27
N LEU A 106 -10.56 2.40 26.72
CA LEU A 106 -10.41 3.84 26.62
C LEU A 106 -10.36 4.35 25.21
N ARG A 107 -10.71 5.64 25.07
CA ARG A 107 -10.43 6.43 23.89
C ARG A 107 -9.91 7.77 24.31
N GLY A 108 -9.10 8.41 23.49
CA GLY A 108 -8.66 9.79 23.74
C GLY A 108 -8.45 10.53 22.45
N ALA A 109 -8.64 11.81 22.49
CA ALA A 109 -8.41 12.66 21.38
C ALA A 109 -6.97 13.14 21.43
N VAL A 110 -6.33 13.07 20.27
CA VAL A 110 -4.95 13.31 20.11
C VAL A 110 -4.73 14.17 18.88
N SER A 111 -3.81 15.10 19.04
CA SER A 111 -3.42 15.95 17.93
C SER A 111 -2.22 15.39 17.19
N ARG A 112 -2.35 15.13 15.88
CA ARG A 112 -1.22 14.67 15.11
C ARG A 112 -1.01 15.50 13.86
N HIS A 113 0.13 15.28 13.22
CA HIS A 113 0.35 15.91 11.92
C HIS A 113 -0.65 15.38 10.94
N ARG A 114 -1.19 16.30 10.17
CA ARG A 114 -2.18 15.98 9.18
C ARG A 114 -1.57 15.26 8.00
N ARG A 115 -0.32 15.58 7.65
CA ARG A 115 0.28 15.03 6.45
C ARG A 115 1.71 14.65 6.75
N ILE A 116 2.08 13.43 6.35
CA ILE A 116 3.43 13.00 6.59
C ILE A 116 3.96 12.26 5.38
N ARG A 117 5.28 12.19 5.35
CA ARG A 117 5.99 11.29 4.55
C ARG A 117 6.42 10.18 5.50
N TYR A 118 6.23 8.94 5.11
CA TYR A 118 6.94 7.89 5.82
C TYR A 118 7.78 7.00 4.95
N GLN A 119 8.91 6.59 5.51
CA GLN A 119 9.88 5.71 4.87
C GLN A 119 10.26 4.56 5.77
N GLY A 120 10.78 3.53 5.16
CA GLY A 120 11.15 2.31 5.86
C GLY A 120 11.38 1.22 4.87
N LEU A 121 11.32 -0.01 5.34
CA LEU A 121 11.58 -1.17 4.51
C LEU A 121 10.37 -2.05 4.59
N ASP A 122 10.02 -2.73 3.50
CA ASP A 122 9.02 -3.80 3.58
C ASP A 122 9.80 -5.04 4.10
N PRO A 123 9.10 -6.16 4.40
CA PRO A 123 9.77 -7.32 5.01
C PRO A 123 10.85 -7.96 4.16
N GLN A 124 10.88 -7.69 2.85
CA GLN A 124 11.98 -8.16 2.00
C GLN A 124 13.12 -7.16 1.86
N GLY A 125 13.08 -6.01 2.52
CA GLY A 125 14.16 -5.02 2.36
C GLY A 125 13.92 -4.11 1.20
N GLN A 126 12.75 -4.18 0.59
CA GLN A 126 12.43 -3.13 -0.42
C GLN A 126 12.03 -1.79 0.21
N PRO A 127 12.54 -0.67 -0.30
CA PRO A 127 12.23 0.63 0.30
C PRO A 127 10.75 1.01 0.17
N ILE A 128 10.20 1.59 1.24
CA ILE A 128 8.88 2.19 1.25
C ILE A 128 9.11 3.68 1.40
N ASP A 129 8.39 4.44 0.61
CA ASP A 129 8.36 5.92 0.70
C ASP A 129 7.00 6.47 0.24
N ARG A 130 6.14 6.84 1.18
CA ARG A 130 4.77 7.30 0.95
C ARG A 130 4.54 8.66 1.52
N SER A 131 3.78 9.50 0.84
CA SER A 131 3.21 10.70 1.50
C SER A 131 1.70 10.52 1.66
N VAL A 132 1.17 10.77 2.85
CA VAL A 132 -0.20 10.41 3.17
C VAL A 132 -0.77 11.45 4.10
N GLU A 133 -2.09 11.45 4.23
CA GLU A 133 -2.74 12.49 5.04
C GLU A 133 -3.87 11.88 5.84
N GLY A 134 -4.46 12.65 6.78
CA GLY A 134 -5.68 12.25 7.50
C GLY A 134 -5.44 10.96 8.27
N PHE A 135 -6.34 10.03 8.10
CA PHE A 135 -6.35 8.85 8.94
C PHE A 135 -5.10 7.95 8.81
N HIS A 136 -4.69 7.68 7.55
CA HIS A 136 -3.50 6.94 7.22
C HIS A 136 -2.31 7.56 7.94
N ALA A 137 -2.19 8.88 7.86
CA ALA A 137 -1.15 9.58 8.55
C ALA A 137 -1.19 9.40 10.07
N ARG A 138 -2.41 9.49 10.62
CA ARG A 138 -2.63 9.26 12.03
C ARG A 138 -2.22 7.85 12.45
N VAL A 139 -2.65 6.85 11.72
CA VAL A 139 -2.33 5.43 12.08
C VAL A 139 -0.79 5.24 12.14
N VAL A 140 -0.12 5.75 11.10
CA VAL A 140 1.32 5.62 11.02
C VAL A 140 2.03 6.31 12.19
N GLN A 141 1.65 7.55 12.51
CA GLN A 141 2.20 8.23 13.71
C GLN A 141 1.98 7.44 15.01
N HIS A 142 0.76 6.92 15.18
CA HIS A 142 0.36 6.21 16.33
C HIS A 142 1.20 4.93 16.49
N GLU A 143 1.35 4.18 15.44
CA GLU A 143 2.13 2.93 15.54
C GLU A 143 3.67 3.19 15.71
N CYS A 144 4.20 4.19 15.01
CA CYS A 144 5.60 4.46 15.15
C CYS A 144 5.90 4.99 16.57
N ASP A 145 4.90 5.61 17.23
CA ASP A 145 5.05 5.99 18.68
C ASP A 145 5.34 4.80 19.56
N HIS A 146 4.78 3.66 19.25
CA HIS A 146 5.16 2.48 20.02
C HIS A 146 6.61 2.13 19.94
N LEU A 147 7.28 2.48 18.83
CA LEU A 147 8.72 2.13 18.69
C LEU A 147 9.64 3.05 19.47
N ILE A 148 9.11 4.22 19.91
CA ILE A 148 9.87 5.09 20.81
C ILE A 148 9.29 5.08 22.24
N GLY A 149 8.64 3.99 22.65
CA GLY A 149 8.04 3.87 23.97
C GLY A 149 6.91 4.83 24.34
N ARG A 150 6.08 5.25 23.37
CA ARG A 150 5.00 6.24 23.63
C ARG A 150 3.68 5.65 23.35
N LEU A 151 2.77 5.71 24.33
CA LEU A 151 1.37 5.42 24.14
C LEU A 151 0.59 6.72 24.09
N TYR A 152 -0.60 6.66 23.48
CA TYR A 152 -1.34 7.90 23.13
C TYR A 152 -1.73 8.80 24.30
N PRO A 153 -2.05 8.20 25.48
CA PRO A 153 -2.23 9.11 26.64
C PRO A 153 -1.11 10.12 26.86
N SER A 154 0.14 9.72 26.58
CA SER A 154 1.26 10.64 26.63
C SER A 154 1.30 11.73 25.53
N ARG A 155 0.37 11.68 24.58
CA ARG A 155 0.23 12.64 23.50
C ARG A 155 -0.98 13.54 23.63
N ILE A 156 -1.90 13.19 24.50
CA ILE A 156 -3.11 13.99 24.75
C ILE A 156 -2.70 15.36 25.31
N THR A 157 -3.29 16.41 24.76
CA THR A 157 -3.11 17.73 25.30
C THR A 157 -4.45 18.29 25.92
N ASP A 158 -5.60 17.72 25.58
CA ASP A 158 -6.89 18.08 26.17
C ASP A 158 -7.49 16.89 26.87
N PHE A 159 -7.37 16.89 28.20
CA PHE A 159 -7.82 15.76 29.00
C PHE A 159 -9.30 15.66 29.15
N SER A 160 -10.03 16.67 28.68
CA SER A 160 -11.44 16.55 28.72
C SER A 160 -11.94 15.54 27.73
N LYS A 161 -11.07 15.08 26.83
CA LYS A 161 -11.50 14.17 25.78
C LYS A 161 -10.87 12.77 25.96
N PHE A 162 -10.57 12.42 27.18
CA PHE A 162 -10.00 11.16 27.51
C PHE A 162 -10.98 10.51 28.44
N GLY A 163 -11.38 9.30 28.11
CA GLY A 163 -12.29 8.58 28.92
C GLY A 163 -12.55 7.19 28.46
N PHE A 164 -13.38 6.51 29.22
CA PHE A 164 -13.84 5.16 28.86
C PHE A 164 -14.75 5.22 27.64
N THR A 165 -14.48 4.30 26.70
CA THR A 165 -15.18 4.21 25.41
C THR A 165 -16.72 4.20 25.54
N GLU A 166 -17.22 3.34 26.39
CA GLU A 166 -18.68 3.25 26.55
C GLU A 166 -19.27 4.50 27.21
N VAL A 167 -18.47 5.22 28.01
CA VAL A 167 -18.92 6.47 28.56
C VAL A 167 -18.86 7.52 27.45
N LEU A 168 -17.73 7.65 26.76
CA LEU A 168 -17.70 8.52 25.59
C LEU A 168 -18.44 7.77 24.47
N ILE B 1 -16.36 -13.52 -14.19
CA ILE B 1 -15.23 -13.12 -15.08
C ILE B 1 -15.80 -12.15 -16.06
N ARG B 2 -15.08 -11.05 -16.30
CA ARG B 2 -15.26 -10.25 -17.51
C ARG B 2 -14.21 -10.71 -18.52
N GLU B 3 -14.49 -10.57 -19.81
CA GLU B 3 -13.62 -11.10 -20.86
C GLU B 3 -12.46 -10.14 -21.02
N ILE B 4 -11.24 -10.66 -21.07
CA ILE B 4 -10.06 -9.79 -21.25
C ILE B 4 -9.84 -9.53 -22.71
N LEU B 5 -9.78 -8.25 -23.11
CA LEU B 5 -9.54 -7.93 -24.49
C LEU B 5 -8.12 -8.35 -24.90
N LYS B 6 -7.97 -8.64 -26.18
CA LYS B 6 -6.73 -9.17 -26.79
C LYS B 6 -6.21 -8.15 -27.76
N MET B 7 -4.88 -8.08 -27.80
CA MET B 7 -4.08 -7.19 -28.68
C MET B 7 -4.61 -7.30 -30.10
N GLY B 8 -4.86 -6.13 -30.67
CA GLY B 8 -5.61 -6.05 -31.89
C GLY B 8 -6.94 -5.37 -31.72
N ASP B 9 -7.55 -5.53 -30.53
CA ASP B 9 -8.79 -4.85 -30.22
C ASP B 9 -8.55 -3.32 -30.12
N GLU B 10 -9.30 -2.58 -30.92
CA GLU B 10 -9.25 -1.12 -30.95
C GLU B 10 -9.40 -0.42 -29.57
N ARG B 11 -10.14 -1.03 -28.64
CA ARG B 11 -10.36 -0.47 -27.31
C ARG B 11 -9.13 -0.52 -26.40
N LEU B 12 -8.21 -1.45 -26.63
CA LEU B 12 -6.89 -1.39 -26.01
C LEU B 12 -5.99 -0.25 -26.47
N LEU B 13 -6.38 0.48 -27.53
CA LEU B 13 -5.57 1.57 -28.09
C LEU B 13 -6.06 2.96 -27.71
N ARG B 14 -7.17 3.08 -27.01
CA ARG B 14 -7.64 4.37 -26.53
C ARG B 14 -6.80 4.92 -25.36
N ILE B 15 -6.85 6.23 -25.20
CA ILE B 15 -6.49 6.87 -23.95
C ILE B 15 -7.77 6.73 -23.13
N ALA B 16 -7.65 6.26 -21.90
CA ALA B 16 -8.80 6.16 -21.00
C ALA B 16 -9.14 7.51 -20.36
N GLN B 17 -10.43 7.64 -20.01
CA GLN B 17 -11.02 8.82 -19.40
C GLN B 17 -10.80 8.71 -17.90
N PRO B 18 -10.56 9.84 -17.23
CA PRO B 18 -10.45 9.83 -15.79
C PRO B 18 -11.77 9.39 -15.11
N VAL B 19 -11.63 8.78 -13.95
CA VAL B 19 -12.76 8.48 -13.09
C VAL B 19 -13.37 9.79 -12.66
N PRO B 20 -14.63 10.03 -13.00
CA PRO B 20 -15.25 11.28 -12.55
C PRO B 20 -15.41 11.33 -11.07
N SER B 21 -15.40 12.54 -10.51
CA SER B 21 -15.48 12.71 -9.04
C SER B 21 -16.73 12.07 -8.47
N GLU B 22 -17.84 12.13 -9.21
CA GLU B 22 -19.08 11.50 -8.76
C GLU B 22 -18.95 10.01 -8.55
N LEU B 23 -18.03 9.33 -9.19
CA LEU B 23 -17.88 7.86 -8.95
C LEU B 23 -17.06 7.51 -7.74
N LEU B 24 -16.30 8.46 -7.18
CA LEU B 24 -15.48 8.19 -6.04
C LEU B 24 -16.31 7.75 -4.86
N GLY B 25 -15.97 6.62 -4.27
CA GLY B 25 -16.66 6.09 -3.13
C GLY B 25 -17.96 5.39 -3.46
N SER B 26 -18.40 5.35 -4.72
CA SER B 26 -19.75 4.86 -5.09
C SER B 26 -19.82 3.33 -5.21
N GLU B 27 -21.03 2.82 -5.05
CA GLU B 27 -21.33 1.43 -5.37
C GLU B 27 -21.03 1.08 -6.78
N GLU B 28 -21.30 1.99 -7.70
CA GLU B 28 -21.04 1.69 -9.10
C GLU B 28 -19.54 1.38 -9.33
N LEU B 29 -18.68 2.21 -8.70
CA LEU B 29 -17.22 2.02 -8.79
C LEU B 29 -16.76 0.73 -8.12
N GLN B 30 -17.36 0.46 -6.97
CA GLN B 30 -17.08 -0.74 -6.20
C GLN B 30 -17.35 -1.99 -7.02
N ARG B 31 -18.42 -1.94 -7.80
CA ARG B 31 -18.78 -3.04 -8.69
C ARG B 31 -17.79 -3.31 -9.76
N LEU B 32 -17.31 -2.23 -10.33
CA LEU B 32 -16.27 -2.33 -11.33
C LEU B 32 -15.05 -2.97 -10.65
N ILE B 33 -14.67 -2.45 -9.47
CA ILE B 33 -13.47 -2.93 -8.76
C ILE B 33 -13.59 -4.45 -8.48
N ASP B 34 -14.76 -4.89 -8.00
CA ASP B 34 -15.03 -6.29 -7.69
C ASP B 34 -15.01 -7.13 -8.97
N ASP B 35 -15.58 -6.60 -10.05
CA ASP B 35 -15.48 -7.29 -11.35
C ASP B 35 -14.02 -7.41 -11.80
N MET B 36 -13.20 -6.39 -11.56
CA MET B 36 -11.81 -6.52 -11.99
C MET B 36 -11.06 -7.53 -11.14
N PHE B 37 -11.25 -7.47 -9.83
CA PHE B 37 -10.56 -8.40 -8.93
C PHE B 37 -10.91 -9.85 -9.24
N GLU B 38 -12.20 -10.05 -9.55
CA GLU B 38 -12.73 -11.35 -9.90
C GLU B 38 -12.00 -11.87 -11.10
N THR B 39 -12.01 -11.04 -12.16
CA THR B 39 -11.38 -11.37 -13.43
C THR B 39 -9.87 -11.62 -13.27
N MET B 40 -9.17 -10.72 -12.56
CA MET B 40 -7.71 -10.82 -12.34
C MET B 40 -7.35 -12.05 -11.50
N HIS B 41 -8.10 -12.30 -10.43
CA HIS B 41 -7.83 -13.47 -9.59
C HIS B 41 -8.06 -14.75 -10.41
N HIS B 42 -9.12 -14.80 -11.25
CA HIS B 42 -9.43 -16.01 -12.04
C HIS B 42 -8.35 -16.44 -13.06
N VAL B 43 -7.91 -15.51 -13.89
CA VAL B 43 -6.82 -15.75 -14.86
C VAL B 43 -5.43 -15.74 -14.26
N GLY B 44 -5.31 -15.43 -12.97
CA GLY B 44 -4.03 -15.45 -12.26
C GLY B 44 -3.13 -14.25 -12.54
N GLY B 45 -3.73 -13.10 -12.88
CA GLY B 45 -2.99 -11.89 -13.15
C GLY B 45 -2.34 -11.25 -11.93
N VAL B 46 -1.19 -10.64 -12.12
CA VAL B 46 -0.63 -9.77 -11.11
C VAL B 46 -1.24 -8.33 -11.21
N GLY B 47 -1.92 -8.03 -12.32
CA GLY B 47 -2.35 -6.67 -12.65
C GLY B 47 -3.54 -6.65 -13.61
N LEU B 48 -4.27 -5.55 -13.60
CA LEU B 48 -5.31 -5.37 -14.56
C LEU B 48 -5.71 -3.92 -14.61
N ALA B 49 -6.08 -3.52 -15.83
CA ALA B 49 -6.42 -2.16 -16.10
C ALA B 49 -7.81 -2.19 -16.68
N ALA B 50 -8.61 -1.20 -16.30
CA ALA B 50 -10.05 -1.18 -16.69
C ALA B 50 -10.27 -1.32 -18.21
N PRO B 51 -9.40 -0.72 -19.04
CA PRO B 51 -9.55 -0.91 -20.51
C PRO B 51 -9.40 -2.35 -20.98
N GLN B 52 -8.65 -3.17 -20.26
CA GLN B 52 -8.56 -4.57 -20.61
C GLN B 52 -9.88 -5.33 -20.49
N ILE B 53 -10.84 -4.86 -19.68
CA ILE B 53 -12.21 -5.46 -19.73
C ILE B 53 -13.22 -4.55 -20.36
N GLY B 54 -12.75 -3.63 -21.20
CA GLY B 54 -13.63 -2.82 -22.00
C GLY B 54 -14.20 -1.61 -21.35
N VAL B 55 -13.65 -1.23 -20.18
CA VAL B 55 -14.17 -0.14 -19.44
C VAL B 55 -13.19 0.99 -19.60
N ASP B 56 -13.67 2.08 -20.18
CA ASP B 56 -12.86 3.21 -20.61
C ASP B 56 -12.50 4.21 -19.48
N LEU B 57 -11.78 3.74 -18.46
CA LEU B 57 -11.56 4.51 -17.24
C LEU B 57 -10.15 4.35 -16.74
N GLN B 58 -9.57 5.39 -16.13
CA GLN B 58 -8.19 5.34 -15.60
C GLN B 58 -8.20 4.69 -14.25
N LEU B 59 -8.22 3.39 -14.27
CA LEU B 59 -8.34 2.66 -13.04
C LEU B 59 -7.58 1.36 -13.26
N VAL B 60 -6.60 1.12 -12.39
CA VAL B 60 -5.82 -0.07 -12.46
C VAL B 60 -5.77 -0.69 -11.07
N ILE B 61 -5.62 -2.02 -11.10
CA ILE B 61 -5.40 -2.74 -9.85
C ILE B 61 -4.15 -3.56 -10.03
N PHE B 62 -3.36 -3.70 -8.98
CA PHE B 62 -2.19 -4.57 -8.99
C PHE B 62 -1.86 -5.03 -7.57
N GLY B 63 -1.01 -6.06 -7.42
CA GLY B 63 -0.81 -6.73 -6.12
C GLY B 63 -0.42 -8.18 -6.26
N PRO B 74 9.42 -10.71 -5.00
CA PRO B 74 9.28 -9.22 -4.84
C PRO B 74 7.80 -8.86 -4.81
N ALA B 75 7.31 -8.59 -3.61
CA ALA B 75 5.89 -8.47 -3.40
C ALA B 75 5.55 -7.02 -3.71
N VAL B 76 4.31 -6.77 -4.04
CA VAL B 76 3.83 -5.45 -4.41
C VAL B 76 2.58 -5.37 -3.57
N PRO B 77 2.38 -4.29 -2.78
CA PRO B 77 1.12 -4.13 -2.06
C PRO B 77 -0.09 -4.03 -2.99
N PRO B 78 -1.21 -4.68 -2.60
CA PRO B 78 -2.45 -4.63 -3.32
C PRO B 78 -2.93 -3.21 -3.37
N THR B 79 -3.16 -2.68 -4.54
CA THR B 79 -3.36 -1.28 -4.72
C THR B 79 -4.42 -1.11 -5.80
N ILE B 80 -5.29 -0.15 -5.60
CA ILE B 80 -6.30 0.24 -6.55
C ILE B 80 -6.05 1.73 -6.80
N LEU B 81 -5.65 2.05 -8.02
CA LEU B 81 -5.08 3.29 -8.33
C LEU B 81 -5.96 3.91 -9.44
N LEU B 82 -6.44 5.11 -9.20
CA LEU B 82 -7.26 5.83 -10.18
C LEU B 82 -6.54 7.09 -10.57
N ASN B 83 -6.79 7.50 -11.80
CA ASN B 83 -6.34 8.76 -12.35
C ASN B 83 -4.85 9.02 -12.18
N PRO B 84 -3.99 8.10 -12.64
CA PRO B 84 -2.63 8.15 -12.13
C PRO B 84 -1.76 9.08 -12.87
N ARG B 85 -0.69 9.52 -12.20
CA ARG B 85 0.36 10.26 -12.84
C ARG B 85 1.69 9.68 -12.38
N ILE B 86 2.63 9.46 -13.34
CA ILE B 86 3.91 8.83 -13.06
C ILE B 86 4.94 9.82 -13.42
N THR B 87 5.91 10.02 -12.54
CA THR B 87 7.07 10.87 -12.75
C THR B 87 8.35 10.02 -12.52
N PRO B 88 9.15 9.81 -13.56
CA PRO B 88 10.37 9.07 -13.32
C PRO B 88 11.31 9.85 -12.42
N LEU B 89 11.99 9.16 -11.52
CA LEU B 89 12.78 9.89 -10.50
C LEU B 89 14.21 10.17 -10.96
N ASP B 90 14.77 9.29 -11.77
CA ASP B 90 16.06 9.50 -12.42
C ASP B 90 16.01 8.86 -13.84
N ASP B 91 17.15 8.83 -14.53
CA ASP B 91 17.23 8.35 -15.93
C ASP B 91 17.46 6.86 -16.05
N GLU B 92 17.71 6.20 -14.93
CA GLU B 92 18.18 4.83 -14.95
C GLU B 92 17.03 3.90 -15.39
N MET B 93 17.34 3.04 -16.37
CA MET B 93 16.38 2.13 -16.97
C MET B 93 16.87 0.79 -16.58
N GLU B 94 15.96 -0.17 -16.51
CA GLU B 94 16.21 -1.52 -16.11
C GLU B 94 15.37 -2.43 -17.05
N GLU B 95 15.94 -3.58 -17.44
CA GLU B 95 15.25 -4.50 -18.34
C GLU B 95 14.70 -5.58 -17.53
N GLY B 96 13.49 -6.01 -17.89
CA GLY B 96 12.84 -7.11 -17.17
C GLY B 96 11.87 -7.74 -18.11
N TRP B 97 11.52 -8.98 -17.83
CA TRP B 97 10.50 -9.69 -18.57
C TRP B 97 9.10 -9.11 -18.29
N GLU B 98 8.27 -9.04 -19.31
CA GLU B 98 6.87 -8.78 -19.10
C GLU B 98 6.00 -9.71 -19.95
N GLY B 99 4.82 -9.98 -19.44
CA GLY B 99 3.75 -10.64 -20.16
C GLY B 99 2.49 -9.87 -19.86
N CYS B 100 1.40 -10.32 -20.45
CA CYS B 100 0.16 -9.61 -20.27
C CYS B 100 -0.90 -10.52 -20.77
N LEU B 101 -2.05 -10.44 -20.12
CA LEU B 101 -3.22 -11.26 -20.37
C LEU B 101 -3.87 -10.91 -21.71
N SER B 102 -3.76 -9.65 -22.12
CA SER B 102 -4.21 -9.20 -23.43
C SER B 102 -3.27 -9.68 -24.59
N VAL B 103 -2.12 -10.27 -24.25
CA VAL B 103 -1.07 -10.70 -25.20
C VAL B 103 -0.67 -12.17 -24.88
N PRO B 104 -1.66 -13.07 -24.88
CA PRO B 104 -1.46 -14.42 -24.40
C PRO B 104 -0.41 -15.17 -25.17
N GLY B 105 0.30 -16.05 -24.49
CA GLY B 105 1.31 -16.88 -25.10
C GLY B 105 2.68 -16.24 -25.37
N LEU B 106 2.90 -14.99 -24.98
CA LEU B 106 4.16 -14.27 -25.24
C LEU B 106 4.80 -13.63 -23.99
N ARG B 107 6.06 -13.22 -24.16
CA ARG B 107 6.88 -12.62 -23.16
C ARG B 107 7.86 -11.74 -23.89
N GLY B 108 8.15 -10.61 -23.31
CA GLY B 108 9.18 -9.74 -23.87
C GLY B 108 9.97 -9.07 -22.78
N ALA B 109 11.21 -8.76 -23.13
CA ALA B 109 12.02 -7.91 -22.30
C ALA B 109 11.67 -6.45 -22.61
N VAL B 110 11.48 -5.65 -21.57
CA VAL B 110 11.18 -4.24 -21.71
C VAL B 110 12.03 -3.45 -20.77
N SER B 111 12.48 -2.26 -21.22
CA SER B 111 13.26 -1.38 -20.38
C SER B 111 12.34 -0.38 -19.75
N ARG B 112 12.34 -0.27 -18.44
CA ARG B 112 11.43 0.66 -17.78
C ARG B 112 12.29 1.46 -16.83
N HIS B 113 11.81 2.64 -16.51
CA HIS B 113 12.36 3.34 -15.35
C HIS B 113 12.47 2.51 -14.10
N ARG B 114 13.63 2.63 -13.50
CA ARG B 114 13.91 1.85 -12.33
C ARG B 114 13.20 2.49 -11.14
N ARG B 115 13.09 3.81 -11.11
CA ARG B 115 12.53 4.53 -10.01
C ARG B 115 11.52 5.57 -10.46
N ILE B 116 10.34 5.48 -9.82
CA ILE B 116 9.24 6.32 -10.14
C ILE B 116 8.56 6.80 -8.87
N ARG B 117 7.94 7.97 -9.01
CA ARG B 117 6.91 8.46 -8.12
C ARG B 117 5.62 8.20 -8.85
N TYR B 118 4.63 7.64 -8.17
CA TYR B 118 3.30 7.65 -8.73
C TYR B 118 2.29 8.27 -7.84
N GLN B 119 1.43 9.04 -8.44
CA GLN B 119 0.35 9.69 -7.77
C GLN B 119 -0.98 9.39 -8.42
N GLY B 120 -2.05 9.47 -7.66
CA GLY B 120 -3.36 9.26 -8.19
C GLY B 120 -4.33 9.21 -7.04
N LEU B 121 -5.51 8.62 -7.26
CA LEU B 121 -6.50 8.51 -6.17
C LEU B 121 -6.79 7.06 -5.81
N ASP B 122 -7.14 6.84 -4.55
CA ASP B 122 -7.73 5.51 -4.18
C ASP B 122 -9.26 5.55 -4.49
N PRO B 123 -9.97 4.41 -4.38
CA PRO B 123 -11.41 4.38 -4.70
C PRO B 123 -12.29 5.43 -3.94
N GLN B 124 -11.93 5.83 -2.73
CA GLN B 124 -12.64 6.87 -2.02
C GLN B 124 -12.25 8.31 -2.38
N GLY B 125 -11.28 8.55 -3.26
CA GLY B 125 -10.78 9.88 -3.53
C GLY B 125 -9.62 10.33 -2.64
N GLN B 126 -9.00 9.42 -1.90
CA GLN B 126 -7.85 9.81 -1.10
C GLN B 126 -6.60 9.82 -1.98
N PRO B 127 -5.73 10.87 -1.87
CA PRO B 127 -4.52 10.93 -2.68
C PRO B 127 -3.57 9.78 -2.37
N ILE B 128 -3.00 9.24 -3.45
CA ILE B 128 -1.88 8.35 -3.40
C ILE B 128 -0.64 9.08 -3.90
N ASP B 129 0.44 8.92 -3.17
CA ASP B 129 1.72 9.49 -3.53
C ASP B 129 2.86 8.59 -3.01
N ARG B 130 3.39 7.77 -3.88
CA ARG B 130 4.42 6.78 -3.54
C ARG B 130 5.62 6.87 -4.48
N SER B 131 6.81 6.67 -3.92
CA SER B 131 8.03 6.49 -4.64
C SER B 131 8.51 5.04 -4.46
N VAL B 132 8.74 4.33 -5.56
CA VAL B 132 9.03 2.93 -5.55
C VAL B 132 10.05 2.67 -6.62
N GLU B 133 10.59 1.48 -6.56
CA GLU B 133 11.59 1.07 -7.52
C GLU B 133 11.47 -0.42 -7.81
N GLY B 134 12.18 -0.86 -8.83
CA GLY B 134 12.24 -2.28 -9.11
C GLY B 134 10.94 -2.78 -9.66
N PHE B 135 10.59 -3.98 -9.30
CA PHE B 135 9.41 -4.61 -9.80
C PHE B 135 8.08 -3.83 -9.61
N HIS B 136 7.92 -3.22 -8.45
CA HIS B 136 6.77 -2.41 -8.11
C HIS B 136 6.66 -1.28 -9.17
N ALA B 137 7.75 -0.59 -9.43
CA ALA B 137 7.77 0.52 -10.42
C ALA B 137 7.45 0.01 -11.84
N ARG B 138 7.95 -1.19 -12.14
CA ARG B 138 7.63 -1.88 -13.44
C ARG B 138 6.17 -2.13 -13.61
N VAL B 139 5.58 -2.78 -12.62
CA VAL B 139 4.17 -3.13 -12.68
C VAL B 139 3.33 -1.84 -12.84
N VAL B 140 3.71 -0.79 -12.14
CA VAL B 140 2.97 0.46 -12.25
C VAL B 140 3.01 1.05 -13.66
N GLN B 141 4.19 1.12 -14.23
CA GLN B 141 4.43 1.60 -15.57
C GLN B 141 3.66 0.74 -16.61
N HIS B 142 3.63 -0.56 -16.40
CA HIS B 142 2.98 -1.45 -17.30
C HIS B 142 1.46 -1.24 -17.31
N GLU B 143 0.85 -1.27 -16.11
CA GLU B 143 -0.58 -1.03 -15.96
C GLU B 143 -1.00 0.38 -16.41
N CYS B 144 -0.23 1.41 -16.07
CA CYS B 144 -0.58 2.78 -16.54
C CYS B 144 -0.44 2.97 -18.08
N ASP B 145 0.46 2.20 -18.70
CA ASP B 145 0.55 2.22 -20.14
C ASP B 145 -0.79 1.84 -20.81
N HIS B 146 -1.51 0.89 -20.20
CA HIS B 146 -2.84 0.51 -20.68
C HIS B 146 -3.81 1.69 -20.71
N LEU B 147 -3.58 2.65 -19.86
CA LEU B 147 -4.43 3.78 -19.77
C LEU B 147 -4.16 4.75 -20.85
N ILE B 148 -2.99 4.66 -21.49
CA ILE B 148 -2.63 5.45 -22.70
C ILE B 148 -2.51 4.62 -24.01
N GLY B 149 -3.26 3.52 -24.07
CA GLY B 149 -3.32 2.76 -25.25
C GLY B 149 -2.01 2.08 -25.61
N ARG B 150 -1.17 1.73 -24.64
CA ARG B 150 0.10 1.07 -24.98
C ARG B 150 0.14 -0.31 -24.37
N LEU B 151 0.49 -1.27 -25.18
CA LEU B 151 0.78 -2.61 -24.76
C LEU B 151 2.30 -2.78 -24.82
N TYR B 152 2.81 -3.74 -24.04
CA TYR B 152 4.26 -3.91 -23.90
C TYR B 152 5.10 -4.12 -25.21
N PRO B 153 4.57 -4.83 -26.23
CA PRO B 153 5.31 -4.79 -27.51
C PRO B 153 5.71 -3.43 -28.08
N SER B 154 4.89 -2.39 -27.86
CA SER B 154 5.19 -1.04 -28.32
C SER B 154 6.33 -0.40 -27.49
N ARG B 155 6.79 -1.08 -26.45
CA ARG B 155 7.87 -0.56 -25.61
C ARG B 155 9.16 -1.39 -25.78
N ILE B 156 9.11 -2.51 -26.52
CA ILE B 156 10.26 -3.36 -26.69
C ILE B 156 11.26 -2.61 -27.53
N THR B 157 12.52 -2.66 -27.13
CA THR B 157 13.64 -2.20 -27.97
C THR B 157 14.61 -3.33 -28.35
N ASP B 158 14.61 -4.45 -27.66
CA ASP B 158 15.41 -5.59 -28.05
C ASP B 158 14.49 -6.71 -28.47
N PHE B 159 14.24 -6.80 -29.77
CA PHE B 159 13.41 -7.86 -30.31
C PHE B 159 14.00 -9.26 -30.26
N SER B 160 15.30 -9.42 -29.99
CA SER B 160 15.84 -10.75 -29.67
C SER B 160 15.11 -11.45 -28.51
N LYS B 161 14.56 -10.67 -27.57
CA LYS B 161 13.98 -11.19 -26.34
C LYS B 161 12.46 -11.13 -26.36
N PHE B 162 11.85 -11.26 -27.51
CA PHE B 162 10.42 -11.23 -27.64
C PHE B 162 10.02 -12.53 -28.32
N GLY B 163 9.20 -13.33 -27.67
CA GLY B 163 9.06 -14.67 -28.08
C GLY B 163 7.86 -15.30 -27.41
N PHE B 164 7.44 -16.44 -27.96
CA PHE B 164 6.34 -17.22 -27.38
C PHE B 164 6.83 -17.83 -26.09
N THR B 165 5.90 -18.00 -25.14
CA THR B 165 6.21 -18.37 -23.76
C THR B 165 6.71 -19.80 -23.75
N GLU B 166 5.86 -20.69 -24.21
CA GLU B 166 6.15 -22.14 -24.37
C GLU B 166 7.53 -22.41 -25.05
N VAL B 167 7.92 -21.63 -26.06
CA VAL B 167 9.29 -21.52 -26.55
C VAL B 167 10.02 -20.67 -25.50
NI NI C . -1.36 1.43 19.90
NI NI D . -11.76 -12.94 11.14
NI NI E . 23.85 -6.48 10.78
NI NI F . -0.93 -5.66 -19.43
O K3U G . 1.36 -13.91 -14.51
C K3U G . 0.53 -14.22 -15.36
C13 K3U G . 0.18 -15.70 -15.52
C14 K3U G . -0.88 -16.14 -16.34
C15 K3U G . -1.17 -17.52 -16.47
C16 K3U G . -0.43 -18.48 -15.78
C17 K3U G . 0.63 -18.06 -14.97
C18 K3U G . 0.92 -16.70 -14.84
C1 K3U G . -0.13 -13.09 -16.18
S K3U G . 0.79 -11.55 -16.30
C2 K3U G . 0.10 -10.15 -15.62
O1 K3U G . -0.53 -10.32 -14.59
C3 K3U G . 0.17 -8.72 -16.21
C11 K3U G . -1.26 -8.09 -16.12
C12 K3U G . -1.83 -7.36 -17.36
F1 K3U G . -1.01 -7.53 -18.38
F K3U G . -2.07 -6.01 -17.21
F2 K3U G . -2.91 -8.06 -17.71
C4 K3U G . 1.08 -7.63 -15.59
C5 K3U G . 2.60 -7.68 -15.70
C6 K3U G . 3.36 -8.80 -16.04
C7 K3U G . 4.75 -8.74 -16.07
C8 K3U G . 5.40 -7.56 -15.77
C9 K3U G . 4.68 -6.44 -15.42
C10 K3U G . 3.28 -6.49 -15.39
#